data_2VTE
#
_entry.id   2VTE
#
_cell.length_a   65.650
_cell.length_b   65.650
_cell.length_c   135.500
_cell.angle_alpha   90.00
_cell.angle_beta   90.00
_cell.angle_gamma   90.00
#
_symmetry.space_group_name_H-M   'P 41'
#
loop_
_entity.id
_entity.type
_entity.pdbx_description
1 polymer 'UDP-N-ACETYLMURAMOYLALANINE--D-GLUTAMATE LIGASE'
2 non-polymer 'N-({7-[(4-cyanobenzyl)oxy]naphthalen-2-yl}sulfonyl)-D-glutamic acid'
3 non-polymer 'SULFATE ION'
4 water water
#
_entity_poly.entity_id   1
_entity_poly.type   'polypeptide(L)'
_entity_poly.pdbx_seq_one_letter_code
;MADYQGKNVVIIGLGLTGLSCVDFFLARGVTPRVMDTRMTPPGLDKLPEAVERHTGSLNDEWLMAADLIVASPGIALAHP
SLSAAADAGIEIVGDIELFCREAQAPIVAITGSNGKSTVTTLVGEMAKAAGVNVGVGGNIGLPALMLLDDECELYVLELS
SFQLETTSSLQAVAATILNVTEDHMDRYPFGLQQYRAA(KCX)LRIYENAKVCVVNADDALTMPIRGADERCVSFGVNMG
DYHLNHQQGETWLRVKGEKVLNVKEMKLSGQHNYTNALAALALADAAGLPRASSLKALTTFTGLPHRFEVVLEHNGVRWI
NDSKATNVGSTEAALNGLHVDGTLHLLLGGDGKSADFSPLARYLNGDNVRLYCFGRDGAQLAALRPEVAEQTETMEQAMR
LLAPRVQPGDMVLLSPACASLDQFKNFEQRGNEFARLAKELGSHHHHHH
;
_entity_poly.pdbx_strand_id   A
#
loop_
_chem_comp.id
_chem_comp.type
_chem_comp.name
_chem_comp.formula
IK4 non-polymer 'N-({7-[(4-cyanobenzyl)oxy]naphthalen-2-yl}sulfonyl)-D-glutamic acid' 'C23 H20 N2 O7 S'
SO4 non-polymer 'SULFATE ION' 'O4 S -2'
#
# COMPACT_ATOMS: atom_id res chain seq x y z
N ALA A 2 -26.85 -6.85 5.02
CA ALA A 2 -27.50 -7.30 3.80
C ALA A 2 -27.83 -8.79 3.90
N ASP A 3 -28.72 -9.26 3.04
CA ASP A 3 -29.09 -10.69 3.06
C ASP A 3 -28.73 -11.46 1.74
N TYR A 4 -27.85 -12.46 1.84
CA TYR A 4 -27.37 -13.17 0.64
C TYR A 4 -28.03 -14.52 0.44
N GLN A 5 -28.94 -14.87 1.35
CA GLN A 5 -29.72 -16.14 1.37
C GLN A 5 -30.29 -16.48 0.00
N GLY A 6 -29.96 -17.67 -0.46
CA GLY A 6 -30.37 -18.20 -1.77
C GLY A 6 -29.85 -17.58 -3.06
N LYS A 7 -28.91 -16.65 -2.97
CA LYS A 7 -28.36 -16.01 -4.14
C LYS A 7 -27.29 -16.87 -4.81
N ASN A 8 -27.17 -16.74 -6.13
CA ASN A 8 -26.05 -17.26 -6.87
C ASN A 8 -24.81 -16.34 -6.77
N VAL A 9 -23.84 -16.74 -5.97
CA VAL A 9 -22.63 -15.94 -5.77
C VAL A 9 -21.38 -16.44 -6.46
N VAL A 10 -20.74 -15.55 -7.21
CA VAL A 10 -19.45 -15.86 -7.80
C VAL A 10 -18.37 -14.94 -7.24
N ILE A 11 -17.31 -15.55 -6.74
CA ILE A 11 -16.08 -14.85 -6.30
C ILE A 11 -14.96 -15.02 -7.37
N ILE A 12 -14.43 -13.90 -7.84
CA ILE A 12 -13.39 -13.88 -8.82
C ILE A 12 -12.09 -13.59 -8.11
N GLY A 13 -11.15 -14.53 -8.17
CA GLY A 13 -9.86 -14.39 -7.60
C GLY A 13 -9.75 -15.07 -6.23
N LEU A 14 -8.82 -15.99 -6.10
CA LEU A 14 -8.57 -16.59 -4.81
C LEU A 14 -7.55 -15.77 -4.03
N GLY A 15 -6.64 -16.48 -3.38
CA GLY A 15 -5.66 -15.84 -2.55
C GLY A 15 -6.26 -15.69 -1.19
N LEU A 16 -5.62 -14.88 -0.36
CA LEU A 16 -6.10 -14.65 0.99
C LEU A 16 -7.49 -14.05 0.95
N THR A 17 -7.70 -13.11 0.03
CA THR A 17 -8.89 -12.30 0.06
C THR A 17 -10.03 -13.16 -0.38
N GLY A 18 -9.89 -13.74 -1.57
CA GLY A 18 -10.88 -14.63 -2.14
C GLY A 18 -11.22 -15.69 -1.18
N LEU A 19 -10.21 -16.21 -0.46
CA LEU A 19 -10.47 -17.24 0.60
C LEU A 19 -11.31 -16.66 1.73
N SER A 20 -11.06 -15.40 2.08
CA SER A 20 -11.83 -14.82 3.20
C SER A 20 -13.25 -14.60 2.79
N CYS A 21 -13.47 -14.28 1.51
CA CYS A 21 -14.84 -14.14 1.01
C CYS A 21 -15.53 -15.48 0.96
N VAL A 22 -14.83 -16.53 0.57
CA VAL A 22 -15.42 -17.85 0.62
C VAL A 22 -15.93 -18.19 2.03
N ASP A 23 -15.05 -18.09 3.01
CA ASP A 23 -15.44 -18.31 4.40
C ASP A 23 -16.66 -17.47 4.79
N PHE A 24 -16.76 -16.22 4.24
CA PHE A 24 -17.79 -15.24 4.67
C PHE A 24 -19.15 -15.77 4.23
N PHE A 25 -19.22 -16.29 3.01
CA PHE A 25 -20.49 -16.72 2.48
C PHE A 25 -20.91 -18.05 3.12
N LEU A 26 -19.98 -18.99 3.21
CA LEU A 26 -20.25 -20.28 3.84
C LEU A 26 -20.83 -20.14 5.28
N ALA A 27 -20.13 -19.39 6.16
CA ALA A 27 -20.56 -19.09 7.54
C ALA A 27 -21.92 -18.46 7.55
N ARG A 28 -22.38 -17.96 6.38
CA ARG A 28 -23.70 -17.34 6.29
C ARG A 28 -24.70 -18.24 5.60
N GLY A 29 -24.30 -19.50 5.38
CA GLY A 29 -25.19 -20.47 4.72
C GLY A 29 -25.37 -20.33 3.20
N VAL A 30 -24.33 -19.84 2.54
CA VAL A 30 -24.37 -19.66 1.09
C VAL A 30 -23.11 -20.26 0.54
N THR A 31 -23.24 -21.16 -0.41
CA THR A 31 -22.04 -21.78 -1.07
C THR A 31 -21.84 -20.99 -2.37
N PRO A 32 -20.73 -20.26 -2.45
CA PRO A 32 -20.43 -19.54 -3.69
C PRO A 32 -19.62 -20.47 -4.58
N ARG A 33 -19.27 -19.99 -5.76
CA ARG A 33 -18.37 -20.67 -6.68
C ARG A 33 -17.24 -19.67 -6.89
N VAL A 34 -16.03 -20.18 -7.12
CA VAL A 34 -14.84 -19.37 -7.32
C VAL A 34 -14.29 -19.52 -8.73
N MET A 35 -13.75 -18.45 -9.29
CA MET A 35 -13.02 -18.54 -10.54
C MET A 35 -11.77 -17.66 -10.51
N ASP A 36 -10.75 -18.05 -11.26
CA ASP A 36 -9.44 -17.35 -11.29
C ASP A 36 -8.82 -17.51 -12.68
N THR A 37 -8.21 -16.46 -13.22
CA THR A 37 -7.66 -16.52 -14.56
C THR A 37 -6.34 -17.32 -14.53
N ARG A 38 -5.84 -17.65 -13.34
CA ARG A 38 -4.57 -18.35 -13.21
C ARG A 38 -4.90 -19.84 -13.08
N MET A 39 -4.17 -20.67 -13.83
CA MET A 39 -4.36 -22.14 -13.79
C MET A 39 -4.22 -22.65 -12.38
N THR A 40 -3.19 -22.17 -11.71
CA THR A 40 -3.02 -22.57 -10.32
C THR A 40 -2.86 -21.37 -9.34
N PRO A 41 -3.98 -20.83 -8.91
CA PRO A 41 -4.02 -19.67 -8.01
C PRO A 41 -3.62 -19.96 -6.59
N PRO A 42 -3.24 -18.90 -5.88
CA PRO A 42 -2.34 -18.95 -4.73
C PRO A 42 -2.84 -19.64 -3.49
N GLY A 43 -4.15 -19.73 -3.30
CA GLY A 43 -4.70 -20.51 -2.21
C GLY A 43 -5.56 -21.69 -2.59
N LEU A 44 -5.29 -22.28 -3.76
CA LEU A 44 -6.19 -23.28 -4.35
C LEU A 44 -6.37 -24.53 -3.49
N ASP A 45 -5.24 -25.08 -3.06
CA ASP A 45 -5.27 -26.30 -2.27
C ASP A 45 -5.64 -26.03 -0.81
N LYS A 46 -5.85 -24.73 -0.52
CA LYS A 46 -6.35 -24.30 0.78
C LYS A 46 -7.89 -24.13 0.85
N LEU A 47 -8.57 -24.29 -0.28
CA LEU A 47 -10.03 -24.06 -0.45
C LEU A 47 -10.96 -25.27 -0.13
N PRO A 48 -12.10 -25.06 0.56
CA PRO A 48 -13.00 -26.20 0.90
C PRO A 48 -13.42 -27.02 -0.31
N GLU A 49 -13.72 -28.30 -0.09
CA GLU A 49 -13.93 -29.29 -1.18
C GLU A 49 -15.25 -29.12 -1.91
N ALA A 50 -16.24 -28.67 -1.15
CA ALA A 50 -17.62 -28.62 -1.63
C ALA A 50 -17.89 -27.33 -2.43
N VAL A 51 -16.84 -26.52 -2.57
CA VAL A 51 -16.90 -25.28 -3.35
C VAL A 51 -16.45 -25.55 -4.79
N GLU A 52 -17.38 -25.36 -5.74
CA GLU A 52 -17.03 -25.50 -7.17
C GLU A 52 -15.99 -24.40 -7.57
N ARG A 53 -14.96 -24.79 -8.31
CA ARG A 53 -14.00 -23.81 -8.78
C ARG A 53 -13.71 -24.02 -10.27
N HIS A 54 -13.44 -22.89 -10.93
CA HIS A 54 -13.02 -22.84 -12.32
C HIS A 54 -11.75 -22.06 -12.41
N THR A 55 -10.71 -22.66 -12.97
CA THR A 55 -9.46 -21.92 -13.15
C THR A 55 -8.87 -21.88 -14.55
N GLY A 56 -7.91 -21.00 -14.78
CA GLY A 56 -7.24 -20.94 -16.05
C GLY A 56 -7.89 -19.92 -16.95
N SER A 57 -9.05 -19.41 -16.54
CA SER A 57 -9.77 -18.40 -17.31
C SER A 57 -11.01 -18.00 -16.51
N LEU A 58 -11.63 -16.90 -16.90
CA LEU A 58 -13.00 -16.59 -16.39
C LEU A 58 -14.08 -17.44 -17.11
N ASN A 59 -15.09 -17.86 -16.36
CA ASN A 59 -16.21 -18.68 -16.87
C ASN A 59 -17.44 -17.79 -17.10
N ASP A 60 -17.77 -17.53 -18.35
CA ASP A 60 -18.91 -16.61 -18.66
C ASP A 60 -20.31 -17.15 -18.38
N GLU A 61 -20.45 -18.48 -18.50
CA GLU A 61 -21.61 -19.21 -18.08
C GLU A 61 -21.91 -18.91 -16.61
N TRP A 62 -20.95 -19.19 -15.73
CA TRP A 62 -21.04 -18.78 -14.31
C TRP A 62 -21.30 -17.28 -14.06
N LEU A 63 -20.52 -16.42 -14.68
CA LEU A 63 -20.74 -14.99 -14.54
C LEU A 63 -22.16 -14.54 -14.90
N MET A 64 -22.72 -15.08 -15.97
CA MET A 64 -23.92 -14.49 -16.60
C MET A 64 -25.12 -14.99 -15.89
N ALA A 65 -24.96 -16.13 -15.21
CA ALA A 65 -25.92 -16.71 -14.25
C ALA A 65 -25.99 -16.12 -12.82
N ALA A 66 -24.97 -15.39 -12.43
CA ALA A 66 -24.84 -14.96 -11.04
C ALA A 66 -25.84 -13.89 -10.60
N ASP A 67 -26.20 -13.89 -9.32
CA ASP A 67 -26.92 -12.79 -8.70
C ASP A 67 -25.99 -11.74 -8.09
N LEU A 68 -24.82 -12.17 -7.68
CA LEU A 68 -23.82 -11.30 -7.08
C LEU A 68 -22.43 -11.78 -7.51
N ILE A 69 -21.57 -10.85 -7.98
CA ILE A 69 -20.17 -11.15 -8.33
C ILE A 69 -19.27 -10.45 -7.32
N VAL A 70 -18.34 -11.19 -6.73
CA VAL A 70 -17.40 -10.62 -5.77
C VAL A 70 -15.99 -10.60 -6.38
N ALA A 71 -15.53 -9.43 -6.79
CA ALA A 71 -14.35 -9.39 -7.64
C ALA A 71 -13.06 -9.01 -6.81
N SER A 72 -12.03 -9.87 -6.77
CA SER A 72 -10.72 -9.52 -6.17
C SER A 72 -10.25 -8.16 -6.66
N PRO A 73 -9.55 -7.38 -5.82
CA PRO A 73 -8.98 -6.17 -6.40
C PRO A 73 -7.97 -6.42 -7.56
N GLY A 74 -7.52 -7.67 -7.76
CA GLY A 74 -6.46 -7.95 -8.72
C GLY A 74 -7.01 -8.14 -10.12
N ILE A 75 -8.35 -8.25 -10.30
CA ILE A 75 -8.96 -8.25 -11.63
C ILE A 75 -9.57 -6.90 -11.96
N ALA A 76 -9.35 -6.47 -13.19
CA ALA A 76 -9.86 -5.18 -13.62
C ALA A 76 -11.40 -5.23 -13.87
N LEU A 77 -12.11 -4.26 -13.33
CA LEU A 77 -13.53 -4.10 -13.69
C LEU A 77 -13.71 -3.97 -15.18
N ALA A 78 -12.66 -3.58 -15.89
CA ALA A 78 -12.79 -3.28 -17.30
C ALA A 78 -12.60 -4.55 -18.10
N HIS A 79 -12.42 -5.67 -17.41
CA HIS A 79 -12.18 -6.91 -18.10
C HIS A 79 -13.46 -7.26 -18.91
N PRO A 80 -13.32 -7.63 -20.21
CA PRO A 80 -14.53 -7.89 -21.05
C PRO A 80 -15.63 -8.74 -20.37
N SER A 81 -15.29 -9.82 -19.67
CA SER A 81 -16.31 -10.66 -18.98
C SER A 81 -17.05 -9.90 -17.88
N LEU A 82 -16.32 -9.06 -17.11
CA LEU A 82 -16.94 -8.23 -16.05
C LEU A 82 -17.76 -7.13 -16.62
N SER A 83 -17.21 -6.43 -17.59
CA SER A 83 -17.97 -5.36 -18.28
C SER A 83 -19.33 -5.87 -18.84
N ALA A 84 -19.33 -7.05 -19.44
CA ALA A 84 -20.55 -7.70 -20.00
C ALA A 84 -21.60 -7.97 -18.92
N ALA A 85 -21.14 -8.40 -17.74
CA ALA A 85 -21.98 -8.74 -16.62
C ALA A 85 -22.45 -7.44 -15.99
N ALA A 86 -21.62 -6.41 -16.00
CA ALA A 86 -22.10 -5.11 -15.54
C ALA A 86 -23.17 -4.57 -16.47
N ASP A 87 -22.89 -4.51 -17.78
CA ASP A 87 -23.93 -4.21 -18.77
C ASP A 87 -25.30 -4.94 -18.60
N ALA A 88 -25.33 -6.20 -18.14
CA ALA A 88 -26.57 -6.99 -17.89
C ALA A 88 -27.29 -6.70 -16.56
N GLY A 89 -26.71 -5.77 -15.81
CA GLY A 89 -27.30 -5.38 -14.54
C GLY A 89 -26.88 -6.30 -13.42
N ILE A 90 -25.80 -7.07 -13.57
CA ILE A 90 -25.46 -8.00 -12.50
C ILE A 90 -24.59 -7.24 -11.49
N GLU A 91 -24.89 -7.43 -10.21
CA GLU A 91 -24.34 -6.59 -9.17
C GLU A 91 -22.90 -7.10 -8.96
N ILE A 92 -21.99 -6.15 -8.91
CA ILE A 92 -20.52 -6.41 -8.71
C ILE A 92 -20.02 -5.65 -7.49
N VAL A 93 -19.50 -6.37 -6.49
CA VAL A 93 -18.85 -5.77 -5.31
C VAL A 93 -17.46 -6.35 -5.04
N GLY A 94 -16.75 -5.83 -4.02
CA GLY A 94 -15.54 -6.53 -3.52
C GLY A 94 -15.64 -6.83 -2.04
N ASP A 95 -14.52 -7.21 -1.42
CA ASP A 95 -14.48 -7.68 -0.05
C ASP A 95 -14.71 -6.49 0.88
N ILE A 96 -14.22 -5.32 0.55
CA ILE A 96 -14.36 -4.14 1.45
C ILE A 96 -15.81 -3.78 1.54
N GLU A 97 -16.52 -3.93 0.42
CA GLU A 97 -17.96 -3.63 0.37
C GLU A 97 -18.77 -4.61 1.21
N LEU A 98 -18.47 -5.87 1.15
CA LEU A 98 -19.16 -6.82 2.00
C LEU A 98 -18.88 -6.47 3.48
N PHE A 99 -17.63 -6.11 3.75
CA PHE A 99 -17.23 -5.72 5.09
C PHE A 99 -17.98 -4.47 5.65
N CYS A 100 -18.07 -3.39 4.88
CA CYS A 100 -18.70 -2.15 5.28
C CYS A 100 -20.20 -2.31 5.59
N ARG A 101 -20.83 -3.32 5.01
CA ARG A 101 -22.28 -3.56 5.15
C ARG A 101 -22.55 -4.30 6.41
N GLU A 102 -21.51 -4.85 7.03
CA GLU A 102 -21.67 -5.65 8.26
C GLU A 102 -21.04 -4.91 9.46
N ALA A 103 -19.94 -4.19 9.25
CA ALA A 103 -19.19 -3.61 10.37
C ALA A 103 -20.06 -2.82 11.38
N GLN A 104 -19.81 -3.05 12.69
CA GLN A 104 -20.57 -2.34 13.76
C GLN A 104 -19.67 -1.48 14.63
N ALA A 105 -18.57 -1.04 14.04
CA ALA A 105 -17.74 0.00 14.61
C ALA A 105 -17.32 1.00 13.53
N PRO A 106 -16.95 2.20 13.94
CA PRO A 106 -16.41 3.19 13.01
C PRO A 106 -15.17 2.71 12.28
N ILE A 107 -14.99 3.18 11.05
CA ILE A 107 -13.82 2.87 10.25
C ILE A 107 -12.97 4.10 10.03
N VAL A 108 -11.67 3.96 10.20
CA VAL A 108 -10.77 4.93 9.62
C VAL A 108 -10.29 4.34 8.34
N ALA A 109 -10.33 5.13 7.29
CA ALA A 109 -10.03 4.60 5.97
C ALA A 109 -8.87 5.39 5.37
N ILE A 110 -7.82 4.71 4.94
CA ILE A 110 -6.62 5.37 4.45
C ILE A 110 -6.23 4.89 3.06
N THR A 111 -5.94 5.81 2.14
CA THR A 111 -5.37 5.36 0.86
C THR A 111 -4.31 6.37 0.42
N GLY A 112 -3.67 6.14 -0.71
CA GLY A 112 -2.63 7.02 -1.24
C GLY A 112 -1.58 6.17 -1.92
N SER A 113 -0.75 6.79 -2.73
CA SER A 113 0.27 6.12 -3.48
C SER A 113 1.42 5.69 -2.64
N ASN A 114 1.68 6.39 -1.54
CA ASN A 114 2.78 6.06 -0.61
C ASN A 114 2.46 6.49 0.82
N GLY A 115 2.97 5.77 1.83
CA GLY A 115 2.67 6.13 3.22
C GLY A 115 1.47 5.43 3.83
N LYS A 116 0.66 4.77 3.02
CA LYS A 116 -0.61 4.29 3.52
C LYS A 116 -0.56 3.20 4.59
N SER A 117 0.41 2.29 4.49
CA SER A 117 0.52 1.26 5.49
C SER A 117 1.10 1.79 6.79
N THR A 118 2.00 2.77 6.70
CA THR A 118 2.66 3.39 7.87
C THR A 118 1.63 4.15 8.68
N VAL A 119 0.81 4.93 8.01
CA VAL A 119 -0.29 5.64 8.64
C VAL A 119 -1.37 4.74 9.24
N THR A 120 -1.76 3.71 8.50
CA THR A 120 -2.73 2.73 8.95
C THR A 120 -2.22 2.07 10.28
N THR A 121 -0.97 1.58 10.28
CA THR A 121 -0.30 1.01 11.43
C THR A 121 -0.22 2.01 12.55
N LEU A 122 0.15 3.25 12.24
CA LEU A 122 0.24 4.24 13.25
C LEU A 122 -1.11 4.51 13.91
N VAL A 123 -2.16 4.67 13.15
CA VAL A 123 -3.46 4.91 13.74
C VAL A 123 -3.96 3.71 14.56
N GLY A 124 -3.60 2.52 14.11
CA GLY A 124 -3.85 1.29 14.89
C GLY A 124 -3.10 1.30 16.27
N GLU A 125 -1.83 1.68 16.31
CA GLU A 125 -1.12 1.77 17.60
C GLU A 125 -1.63 2.90 18.52
N MET A 126 -2.03 4.02 17.96
CA MET A 126 -2.66 5.08 18.68
C MET A 126 -3.94 4.56 19.38
N ALA A 127 -4.72 3.65 18.75
CA ALA A 127 -5.94 3.10 19.42
C ALA A 127 -5.61 2.08 20.50
N LYS A 128 -4.54 1.34 20.26
CA LYS A 128 -4.02 0.35 21.22
C LYS A 128 -3.51 1.04 22.51
N ALA A 129 -2.79 2.14 22.33
CA ALA A 129 -2.32 2.97 23.42
C ALA A 129 -3.43 3.54 24.20
N ALA A 130 -4.61 3.75 23.59
CA ALA A 130 -5.78 4.25 24.30
C ALA A 130 -6.67 3.14 24.89
N GLY A 131 -6.22 1.89 24.89
CA GLY A 131 -7.07 0.85 25.43
C GLY A 131 -8.26 0.51 24.59
N VAL A 132 -8.28 0.99 23.33
CA VAL A 132 -9.38 0.64 22.38
C VAL A 132 -9.14 -0.69 21.69
N ASN A 133 -10.10 -1.60 21.77
CA ASN A 133 -10.06 -2.82 20.97
C ASN A 133 -10.22 -2.51 19.47
N VAL A 134 -9.11 -2.66 18.71
CA VAL A 134 -9.00 -2.10 17.31
C VAL A 134 -8.69 -3.22 16.31
N GLY A 135 -9.38 -3.29 15.18
CA GLY A 135 -8.88 -4.17 14.16
C GLY A 135 -8.24 -3.43 13.02
N VAL A 136 -6.96 -3.77 12.75
CA VAL A 136 -6.20 -3.15 11.67
C VAL A 136 -5.94 -4.13 10.47
N GLY A 137 -6.24 -3.73 9.25
CA GLY A 137 -6.05 -4.65 8.13
C GLY A 137 -6.51 -4.00 6.83
N GLY A 138 -6.96 -4.81 5.94
CA GLY A 138 -7.41 -4.34 4.64
C GLY A 138 -6.41 -4.72 3.58
N ASN A 139 -5.96 -3.75 2.83
CA ASN A 139 -4.91 -4.00 1.88
C ASN A 139 -3.52 -4.34 2.50
N ILE A 140 -3.42 -4.31 3.84
CA ILE A 140 -2.18 -4.61 4.62
C ILE A 140 -2.63 -5.68 5.58
N GLY A 141 -1.72 -6.51 6.09
CA GLY A 141 -2.12 -7.41 7.19
C GLY A 141 -3.28 -8.31 6.77
N LEU A 142 -4.18 -8.57 7.70
CA LEU A 142 -5.40 -9.34 7.41
C LEU A 142 -6.35 -8.70 6.42
N PRO A 143 -6.94 -9.51 5.55
CA PRO A 143 -8.08 -9.01 4.75
C PRO A 143 -9.23 -8.64 5.66
N ALA A 144 -9.85 -7.51 5.31
CA ALA A 144 -10.90 -6.89 6.12
C ALA A 144 -11.87 -7.92 6.72
N LEU A 145 -12.41 -8.82 5.91
CA LEU A 145 -13.44 -9.72 6.39
C LEU A 145 -12.98 -10.57 7.54
N MET A 146 -11.67 -10.80 7.68
CA MET A 146 -11.15 -11.54 8.83
C MET A 146 -11.04 -10.68 10.08
N LEU A 147 -11.30 -9.36 10.01
CA LEU A 147 -11.28 -8.55 11.23
C LEU A 147 -12.66 -8.51 11.92
N LEU A 148 -13.71 -8.86 11.17
CA LEU A 148 -15.08 -8.66 11.68
C LEU A 148 -15.35 -9.35 12.99
N ASP A 149 -15.67 -8.54 14.00
CA ASP A 149 -15.87 -9.01 15.37
C ASP A 149 -16.66 -7.96 16.15
N ASP A 150 -17.87 -8.35 16.58
CA ASP A 150 -18.83 -7.62 17.45
C ASP A 150 -18.23 -6.89 18.65
N GLU A 151 -17.15 -7.45 19.17
CA GLU A 151 -16.35 -6.86 20.20
C GLU A 151 -15.42 -5.72 19.76
N CYS A 152 -15.10 -5.66 18.46
CA CYS A 152 -14.22 -4.61 18.00
C CYS A 152 -14.82 -3.19 18.20
N GLU A 153 -14.00 -2.21 18.61
CA GLU A 153 -14.47 -0.83 18.88
C GLU A 153 -14.10 0.22 17.81
N LEU A 154 -13.13 -0.16 17.00
CA LEU A 154 -12.70 0.60 15.84
C LEU A 154 -12.02 -0.31 14.83
N TYR A 155 -12.27 -0.02 13.55
CA TYR A 155 -11.54 -0.56 12.46
C TYR A 155 -10.60 0.46 11.82
N VAL A 156 -9.38 0.09 11.56
CA VAL A 156 -8.52 0.94 10.71
C VAL A 156 -8.10 0.17 9.44
N LEU A 157 -8.46 0.67 8.26
CA LEU A 157 -8.32 -0.10 7.05
C LEU A 157 -7.43 0.63 6.05
N GLU A 158 -6.41 -0.04 5.54
CA GLU A 158 -5.74 0.44 4.36
C GLU A 158 -6.54 0.01 3.17
N LEU A 159 -6.76 0.93 2.22
CA LEU A 159 -7.59 0.68 1.04
C LEU A 159 -6.86 1.07 -0.24
N SER A 160 -6.74 0.14 -1.19
CA SER A 160 -6.12 0.46 -2.48
C SER A 160 -7.16 1.08 -3.37
N SER A 161 -6.69 1.78 -4.41
CA SER A 161 -7.50 2.31 -5.49
C SER A 161 -8.44 1.20 -6.06
N PHE A 162 -7.91 -0.02 -6.24
CA PHE A 162 -8.68 -1.13 -6.75
C PHE A 162 -9.81 -1.49 -5.82
N GLN A 163 -9.54 -1.62 -4.49
CA GLN A 163 -10.63 -1.87 -3.51
C GLN A 163 -11.69 -0.77 -3.56
N LEU A 164 -11.28 0.48 -3.65
CA LEU A 164 -12.24 1.56 -3.72
C LEU A 164 -13.19 1.57 -4.94
N GLU A 165 -12.70 1.15 -6.10
CA GLU A 165 -13.53 1.03 -7.32
C GLU A 165 -14.80 0.17 -7.11
N THR A 166 -14.75 -0.85 -6.26
CA THR A 166 -15.90 -1.77 -6.09
C THR A 166 -16.61 -1.56 -4.73
N THR A 167 -16.31 -0.45 -4.06
CA THR A 167 -16.94 -0.14 -2.78
C THR A 167 -17.84 1.08 -2.91
N SER A 168 -19.02 0.98 -2.30
CA SER A 168 -20.07 2.02 -2.36
C SER A 168 -20.72 2.35 -0.98
N SER A 169 -20.65 1.42 -0.04
CA SER A 169 -21.25 1.61 1.30
C SER A 169 -20.33 2.04 2.45
N LEU A 170 -19.10 2.49 2.15
CA LEU A 170 -18.16 2.97 3.14
C LEU A 170 -18.64 4.37 3.61
N GLN A 171 -18.79 4.54 4.92
CA GLN A 171 -19.06 5.83 5.54
C GLN A 171 -18.08 6.10 6.67
N ALA A 172 -16.86 6.47 6.32
CA ALA A 172 -15.73 6.41 7.27
C ALA A 172 -15.93 7.56 8.29
N VAL A 173 -15.54 7.34 9.55
CA VAL A 173 -15.45 8.39 10.59
C VAL A 173 -14.37 9.42 10.17
N ALA A 174 -13.26 8.88 9.68
CA ALA A 174 -12.19 9.65 9.09
C ALA A 174 -11.62 8.95 7.86
N ALA A 175 -11.54 9.67 6.73
CA ALA A 175 -10.85 9.20 5.52
C ALA A 175 -9.81 10.18 5.01
N THR A 176 -8.68 9.62 4.57
CA THR A 176 -7.61 10.34 3.85
C THR A 176 -7.11 9.72 2.52
N ILE A 177 -6.68 10.58 1.61
CA ILE A 177 -5.78 10.24 0.52
C ILE A 177 -4.49 10.95 0.85
N LEU A 178 -3.47 10.19 1.14
CA LEU A 178 -2.22 10.81 1.61
C LEU A 178 -1.49 11.59 0.47
N ASN A 179 -1.60 11.05 -0.77
CA ASN A 179 -0.94 11.63 -1.96
C ASN A 179 -1.37 10.82 -3.18
N VAL A 180 -0.99 11.29 -4.38
CA VAL A 180 -1.38 10.67 -5.64
C VAL A 180 -0.23 11.00 -6.56
N THR A 181 0.53 9.98 -6.89
CA THR A 181 1.55 10.02 -7.90
C THR A 181 1.42 8.73 -8.75
N GLU A 182 1.96 8.79 -9.95
CA GLU A 182 1.75 7.73 -10.94
C GLU A 182 1.99 6.31 -10.41
N ASP A 183 0.95 5.48 -10.50
CA ASP A 183 1.08 4.09 -10.11
C ASP A 183 -0.07 3.30 -10.76
N HIS A 184 0.12 2.01 -10.95
CA HIS A 184 -0.94 1.13 -11.45
C HIS A 184 -1.42 1.54 -12.82
N MET A 185 -0.58 2.23 -13.61
CA MET A 185 -1.01 2.73 -14.91
C MET A 185 -1.38 1.59 -15.85
N ASP A 186 -1.00 0.36 -15.50
CA ASP A 186 -1.39 -0.77 -16.29
C ASP A 186 -2.83 -1.15 -16.05
N ARG A 187 -3.42 -0.56 -15.01
CA ARG A 187 -4.83 -0.76 -14.70
C ARG A 187 -5.73 0.47 -14.98
N TYR A 188 -5.13 1.57 -15.45
CA TYR A 188 -5.80 2.85 -15.61
C TYR A 188 -5.46 3.49 -16.99
N PRO A 189 -6.16 2.99 -18.03
CA PRO A 189 -5.95 3.43 -19.43
C PRO A 189 -6.35 4.88 -19.69
N PHE A 190 -7.11 5.50 -18.76
CA PHE A 190 -7.44 6.94 -18.76
C PHE A 190 -6.53 7.74 -17.81
N GLY A 191 -5.42 7.11 -17.45
CA GLY A 191 -4.31 7.95 -16.99
C GLY A 191 -4.46 8.35 -15.54
N LEU A 192 -3.73 9.37 -15.14
CA LEU A 192 -3.61 9.76 -13.74
C LEU A 192 -4.93 10.21 -13.14
N GLN A 193 -5.73 10.94 -13.91
CA GLN A 193 -7.03 11.41 -13.42
C GLN A 193 -8.01 10.26 -13.13
N GLN A 194 -7.90 9.16 -13.82
CA GLN A 194 -8.79 8.05 -13.60
C GLN A 194 -8.34 7.29 -12.32
N TYR A 195 -7.05 7.22 -12.12
CA TYR A 195 -6.41 6.61 -10.97
C TYR A 195 -6.84 7.42 -9.74
N ARG A 196 -6.69 8.75 -9.79
CA ARG A 196 -7.12 9.64 -8.69
C ARG A 196 -8.60 9.47 -8.43
N ALA A 197 -9.40 9.38 -9.49
CA ALA A 197 -10.87 9.32 -9.32
C ALA A 197 -11.25 8.16 -8.45
N ALA A 198 -10.60 7.03 -8.67
CA ALA A 198 -10.86 5.83 -7.85
C ALA A 198 -10.54 6.16 -6.38
N KCX A 199 -9.38 6.82 -6.12
CA KCX A 199 -9.05 7.15 -4.72
CB KCX A 199 -7.62 7.68 -4.60
CG KCX A 199 -6.56 6.60 -4.88
CD KCX A 199 -5.27 7.03 -4.24
CE KCX A 199 -4.18 6.00 -4.53
NZ KCX A 199 -4.43 4.60 -4.01
C KCX A 199 -10.07 8.15 -4.09
O KCX A 199 -10.36 8.08 -2.90
CX KCX A 199 -3.60 3.55 -4.22
OQ1 KCX A 199 -2.51 3.60 -4.82
OQ2 KCX A 199 -3.95 2.46 -3.76
N LEU A 200 -10.62 9.07 -4.90
CA LEU A 200 -11.55 10.08 -4.39
C LEU A 200 -12.83 9.43 -3.85
N ARG A 201 -13.13 8.21 -4.27
CA ARG A 201 -14.33 7.52 -3.77
C ARG A 201 -14.33 7.38 -2.24
N ILE A 202 -13.13 7.48 -1.62
CA ILE A 202 -12.99 7.21 -0.16
C ILE A 202 -13.60 8.29 0.73
N TYR A 203 -13.67 9.53 0.17
CA TYR A 203 -14.31 10.70 0.83
C TYR A 203 -15.85 10.74 0.81
N GLU A 204 -16.47 9.98 -0.08
CA GLU A 204 -17.93 9.88 -0.15
C GLU A 204 -18.51 9.39 1.15
N ASN A 205 -19.43 10.17 1.74
CA ASN A 205 -20.11 9.88 3.03
C ASN A 205 -19.18 9.76 4.20
N ALA A 206 -17.97 10.31 4.08
CA ALA A 206 -17.03 10.32 5.18
C ALA A 206 -17.39 11.47 6.12
N LYS A 207 -17.39 11.18 7.42
CA LYS A 207 -17.66 12.16 8.47
C LYS A 207 -16.62 13.30 8.50
N VAL A 208 -15.35 12.97 8.46
CA VAL A 208 -14.32 14.01 8.34
C VAL A 208 -13.46 13.48 7.20
N CYS A 209 -12.98 14.38 6.34
CA CYS A 209 -12.04 14.05 5.25
C CYS A 209 -10.73 14.78 5.58
N VAL A 210 -9.58 14.21 5.28
CA VAL A 210 -8.28 14.76 5.71
C VAL A 210 -7.44 14.79 4.42
N VAL A 211 -7.07 16.00 3.95
CA VAL A 211 -6.39 16.15 2.65
C VAL A 211 -4.95 16.52 2.95
N ASN A 212 -4.08 16.33 1.96
CA ASN A 212 -2.70 16.76 2.04
C ASN A 212 -2.64 18.15 1.38
N ALA A 213 -2.35 19.17 2.18
CA ALA A 213 -2.31 20.54 1.70
C ALA A 213 -1.28 20.73 0.60
N ASP A 214 -0.25 19.91 0.63
CA ASP A 214 0.81 20.00 -0.38
C ASP A 214 0.54 19.24 -1.69
N ASP A 215 -0.63 18.58 -1.81
CA ASP A 215 -0.88 17.77 -3.01
C ASP A 215 -2.34 18.01 -3.34
N ALA A 216 -2.54 18.80 -4.38
CA ALA A 216 -3.87 19.21 -4.75
C ALA A 216 -4.71 18.03 -5.18
N LEU A 217 -4.08 16.97 -5.66
CA LEU A 217 -4.83 15.85 -6.21
C LEU A 217 -5.60 15.07 -5.16
N THR A 218 -5.12 15.15 -3.89
CA THR A 218 -5.80 14.54 -2.71
C THR A 218 -7.12 15.25 -2.29
N MET A 219 -7.37 16.43 -2.87
CA MET A 219 -8.55 17.21 -2.52
C MET A 219 -9.76 16.83 -3.36
N PRO A 220 -10.95 16.78 -2.74
CA PRO A 220 -12.19 16.57 -3.51
C PRO A 220 -12.35 17.52 -4.73
N ILE A 221 -13.12 17.08 -5.73
CA ILE A 221 -13.26 17.86 -6.99
C ILE A 221 -13.98 19.18 -6.74
N ARG A 222 -15.12 19.07 -6.04
CA ARG A 222 -15.89 20.21 -5.53
C ARG A 222 -16.59 19.80 -4.23
N GLU A 226 -18.66 20.42 5.32
CA GLU A 226 -17.59 21.43 5.39
C GLU A 226 -16.35 20.94 4.63
N ARG A 227 -15.40 21.85 4.55
CA ARG A 227 -14.04 21.61 4.11
C ARG A 227 -13.37 20.38 4.79
N CYS A 228 -12.22 20.00 4.27
CA CYS A 228 -11.49 18.89 4.84
C CYS A 228 -10.52 19.50 5.84
N VAL A 229 -10.17 18.71 6.84
CA VAL A 229 -9.00 18.99 7.63
C VAL A 229 -7.79 18.72 6.75
N SER A 230 -6.69 19.48 6.90
CA SER A 230 -5.50 19.23 6.12
C SER A 230 -4.26 18.96 6.95
N PHE A 231 -3.26 18.26 6.39
CA PHE A 231 -1.91 18.30 6.96
C PHE A 231 -0.94 18.79 5.91
N GLY A 232 0.25 19.22 6.32
CA GLY A 232 1.20 19.77 5.36
C GLY A 232 2.53 20.04 6.05
N VAL A 233 3.55 20.33 5.23
CA VAL A 233 4.87 20.73 5.71
C VAL A 233 4.88 22.18 6.28
N ASN A 234 4.62 23.19 5.44
CA ASN A 234 4.57 24.58 5.97
C ASN A 234 3.19 25.08 6.25
N MET A 235 2.19 24.38 5.74
CA MET A 235 0.82 24.81 5.86
C MET A 235 -0.05 23.62 6.20
N GLY A 236 -1.29 23.88 6.59
CA GLY A 236 -2.25 22.82 6.87
C GLY A 236 -2.72 22.97 8.29
N ASP A 237 -3.88 22.41 8.60
CA ASP A 237 -4.34 22.46 9.93
C ASP A 237 -3.33 21.73 10.85
N TYR A 238 -2.66 20.73 10.29
CA TYR A 238 -1.64 19.98 11.01
C TYR A 238 -0.37 20.21 10.25
N HIS A 239 0.68 20.66 10.90
CA HIS A 239 1.84 21.06 10.14
C HIS A 239 3.15 20.98 10.90
N LEU A 240 4.25 21.07 10.17
CA LEU A 240 5.59 21.05 10.78
C LEU A 240 6.08 22.46 11.14
N ASN A 241 6.94 22.57 12.15
CA ASN A 241 7.61 23.82 12.57
C ASN A 241 9.12 23.51 12.79
N HIS A 242 9.98 24.10 11.99
CA HIS A 242 11.41 23.84 12.12
C HIS A 242 12.10 24.95 12.92
N GLN A 243 12.33 24.70 14.21
CA GLN A 243 13.41 25.33 14.94
C GLN A 243 14.66 24.47 14.97
N GLU A 246 15.96 21.27 14.37
CA GLU A 246 14.88 20.69 15.21
C GLU A 246 13.46 20.81 14.62
N THR A 247 12.68 19.73 14.65
CA THR A 247 11.36 19.75 14.07
C THR A 247 10.25 19.36 15.07
N TRP A 248 9.16 20.13 15.02
CA TRP A 248 7.95 19.84 15.80
C TRP A 248 6.74 19.55 14.94
N LEU A 249 5.89 18.66 15.40
CA LEU A 249 4.52 18.59 14.89
C LEU A 249 3.61 19.60 15.61
N ARG A 250 2.76 20.32 14.86
CA ARG A 250 1.90 21.32 15.48
C ARG A 250 0.51 21.15 14.96
N VAL A 251 -0.50 21.44 15.78
CA VAL A 251 -1.86 21.49 15.33
C VAL A 251 -2.34 22.92 15.59
N LYS A 252 -2.62 23.62 14.49
CA LYS A 252 -3.06 25.02 14.47
C LYS A 252 -2.12 25.94 15.26
N GLY A 253 -0.83 25.82 15.08
CA GLY A 253 0.05 26.77 15.79
C GLY A 253 0.48 26.33 17.18
N GLU A 254 -0.21 25.36 17.75
CA GLU A 254 0.21 24.66 18.98
C GLU A 254 1.18 23.47 18.77
N LYS A 255 2.32 23.49 19.46
CA LYS A 255 3.31 22.36 19.45
C LYS A 255 2.68 21.17 20.19
N VAL A 256 2.69 20.01 19.56
CA VAL A 256 2.17 18.79 20.24
C VAL A 256 3.30 17.73 20.41
N LEU A 257 4.33 17.76 19.59
CA LEU A 257 5.42 16.77 19.73
C LEU A 257 6.72 17.22 19.03
N ASN A 258 7.83 17.11 19.73
CA ASN A 258 9.16 17.32 19.20
C ASN A 258 9.56 15.99 18.61
N VAL A 259 9.87 16.01 17.29
CA VAL A 259 10.07 14.73 16.52
C VAL A 259 11.27 13.91 17.05
N LYS A 260 12.14 14.49 17.88
CA LYS A 260 13.31 13.69 18.38
C LYS A 260 12.80 12.60 19.30
N GLU A 261 11.54 12.72 19.71
CA GLU A 261 10.89 11.65 20.53
C GLU A 261 10.39 10.48 19.69
N MET A 262 10.34 10.64 18.38
CA MET A 262 9.94 9.57 17.46
C MET A 262 11.09 8.66 17.11
N LYS A 263 10.83 7.38 16.96
CA LYS A 263 11.83 6.51 16.39
C LYS A 263 12.00 6.57 14.86
N LEU A 264 10.94 6.95 14.15
CA LEU A 264 11.02 7.17 12.70
C LEU A 264 11.70 8.49 12.39
N SER A 265 12.22 8.66 11.20
CA SER A 265 12.70 9.98 10.84
C SER A 265 12.45 10.29 9.40
N GLY A 266 12.83 11.47 8.99
CA GLY A 266 12.56 11.94 7.67
C GLY A 266 11.24 12.70 7.60
N GLN A 267 11.28 13.80 6.85
CA GLN A 267 10.13 14.61 6.61
C GLN A 267 8.84 13.87 6.23
N HIS A 268 8.95 12.87 5.37
CA HIS A 268 7.78 12.17 4.92
C HIS A 268 7.19 11.25 5.99
N ASN A 269 8.01 10.72 6.89
CA ASN A 269 7.46 10.14 8.10
C ASN A 269 6.79 11.14 9.07
N TYR A 270 7.24 12.37 9.10
CA TYR A 270 6.68 13.39 9.96
C TYR A 270 5.33 13.85 9.43
N THR A 271 5.17 13.94 8.12
CA THR A 271 3.82 14.18 7.53
C THR A 271 2.94 12.92 7.68
N ASN A 272 3.48 11.71 7.62
CA ASN A 272 2.69 10.51 8.02
C ASN A 272 2.12 10.58 9.45
N ALA A 273 2.95 11.03 10.38
CA ALA A 273 2.57 11.27 11.76
C ALA A 273 1.50 12.31 11.91
N LEU A 274 1.61 13.40 11.17
CA LEU A 274 0.55 14.39 11.12
C LEU A 274 -0.77 13.83 10.62
N ALA A 275 -0.73 13.04 9.56
CA ALA A 275 -1.95 12.52 8.96
C ALA A 275 -2.58 11.55 9.91
N ALA A 276 -1.76 10.70 10.47
CA ALA A 276 -2.22 9.71 11.48
C ALA A 276 -2.90 10.42 12.65
N LEU A 277 -2.26 11.46 13.16
CA LEU A 277 -2.83 12.22 14.28
C LEU A 277 -4.15 12.80 13.92
N ALA A 278 -4.26 13.36 12.73
CA ALA A 278 -5.46 14.05 12.34
C ALA A 278 -6.62 13.07 12.28
N LEU A 279 -6.31 11.87 11.81
CA LEU A 279 -7.34 10.85 11.67
C LEU A 279 -7.75 10.30 13.04
N ALA A 280 -6.79 9.96 13.87
CA ALA A 280 -7.08 9.64 15.31
C ALA A 280 -7.88 10.70 16.02
N ASP A 281 -7.49 11.96 15.91
CA ASP A 281 -8.29 13.04 16.45
C ASP A 281 -9.73 12.96 15.97
N ALA A 282 -9.95 12.90 14.65
CA ALA A 282 -11.35 12.85 14.11
C ALA A 282 -12.13 11.66 14.64
N ALA A 283 -11.41 10.54 14.91
CA ALA A 283 -12.04 9.31 15.45
C ALA A 283 -12.30 9.33 16.97
N GLY A 284 -12.00 10.45 17.63
CA GLY A 284 -12.31 10.57 19.05
C GLY A 284 -11.24 10.03 20.01
N LEU A 285 -10.09 9.60 19.49
CA LEU A 285 -9.08 9.00 20.35
C LEU A 285 -8.42 10.11 21.14
N PRO A 286 -8.07 9.83 22.42
CA PRO A 286 -7.39 10.86 23.24
C PRO A 286 -6.00 11.22 22.72
N ARG A 287 -5.65 12.50 22.76
CA ARG A 287 -4.41 12.96 22.18
C ARG A 287 -3.13 12.52 22.85
N ALA A 288 -3.18 12.33 24.15
CA ALA A 288 -1.98 11.99 24.89
C ALA A 288 -1.49 10.66 24.48
N SER A 289 -2.38 9.66 24.44
CA SER A 289 -2.01 8.30 24.11
C SER A 289 -1.62 8.20 22.60
N SER A 290 -2.30 8.99 21.74
CA SER A 290 -1.97 9.12 20.31
C SER A 290 -0.52 9.54 20.12
N LEU A 291 -0.10 10.54 20.89
CA LEU A 291 1.28 11.04 20.86
C LEU A 291 2.26 10.06 21.48
N LYS A 292 1.78 9.29 22.43
CA LYS A 292 2.63 8.28 23.01
C LYS A 292 2.96 7.19 21.97
N ALA A 293 1.97 6.79 21.19
CA ALA A 293 2.17 5.81 20.13
C ALA A 293 3.14 6.27 19.07
N LEU A 294 3.18 7.56 18.81
CA LEU A 294 4.18 8.09 17.89
C LEU A 294 5.59 7.85 18.38
N THR A 295 5.77 7.73 19.66
CA THR A 295 7.14 7.70 20.15
C THR A 295 7.57 6.25 20.27
N THR A 296 6.63 5.31 20.21
CA THR A 296 6.99 3.88 20.37
C THR A 296 7.11 3.06 19.05
N PHE A 297 6.45 3.52 18.00
CA PHE A 297 6.41 2.87 16.67
C PHE A 297 7.78 2.96 16.03
N THR A 298 8.31 1.78 15.69
CA THR A 298 9.64 1.62 15.11
C THR A 298 9.68 1.51 13.57
N GLY A 299 8.55 1.42 12.91
CA GLY A 299 8.59 1.28 11.45
C GLY A 299 8.11 -0.11 11.04
N LEU A 300 7.72 -0.28 9.77
CA LEU A 300 7.29 -1.56 9.25
C LEU A 300 8.49 -2.18 8.58
N PRO A 301 8.55 -3.52 8.51
CA PRO A 301 9.65 -4.14 7.77
C PRO A 301 9.55 -3.83 6.25
N HIS A 302 10.67 -3.81 5.54
CA HIS A 302 10.67 -3.53 4.12
C HIS A 302 10.38 -2.09 3.79
N ARG A 303 10.28 -1.24 4.83
CA ARG A 303 10.04 0.20 4.62
C ARG A 303 11.30 0.85 5.06
N PHE A 304 12.24 1.11 4.15
CA PHE A 304 13.49 1.74 4.47
C PHE A 304 14.14 1.13 5.72
N GLU A 305 14.14 -0.18 5.74
CA GLU A 305 14.58 -0.92 6.88
C GLU A 305 16.11 -1.30 6.77
N VAL A 306 16.88 -1.00 7.81
CA VAL A 306 18.27 -1.33 7.86
C VAL A 306 18.33 -2.77 8.30
N VAL A 307 18.60 -3.66 7.35
CA VAL A 307 18.71 -5.06 7.71
C VAL A 307 20.14 -5.43 8.19
N LEU A 308 21.13 -4.63 7.81
CA LEU A 308 22.53 -4.90 8.24
C LEU A 308 23.32 -3.62 8.12
N GLU A 309 23.94 -3.23 9.23
CA GLU A 309 24.92 -2.17 9.25
C GLU A 309 26.17 -2.75 9.84
N HIS A 310 27.22 -2.85 9.01
CA HIS A 310 28.41 -3.60 9.35
C HIS A 310 29.57 -3.25 8.42
N ASN A 311 30.76 -3.12 9.02
CA ASN A 311 31.98 -2.94 8.25
C ASN A 311 31.93 -1.62 7.49
N GLY A 312 31.24 -0.64 8.05
CA GLY A 312 31.08 0.69 7.44
C GLY A 312 30.03 0.82 6.34
N VAL A 313 29.23 -0.22 6.17
CA VAL A 313 28.21 -0.31 5.13
C VAL A 313 26.82 -0.60 5.70
N ARG A 314 25.86 0.21 5.27
CA ARG A 314 24.45 0.07 5.64
C ARG A 314 23.75 -0.56 4.42
N TRP A 315 23.08 -1.70 4.62
CA TRP A 315 22.25 -2.35 3.58
C TRP A 315 20.79 -2.15 4.00
N ILE A 316 20.04 -1.35 3.21
CA ILE A 316 18.64 -0.95 3.40
C ILE A 316 17.67 -1.71 2.45
N ASN A 317 16.76 -2.47 3.09
CA ASN A 317 15.56 -3.06 2.48
C ASN A 317 14.43 -2.06 2.37
N ASP A 318 14.32 -1.39 1.25
CA ASP A 318 13.16 -0.57 0.98
C ASP A 318 12.31 -1.21 -0.11
N SER A 319 12.15 -2.52 0.01
CA SER A 319 11.40 -3.33 -0.93
C SER A 319 9.96 -2.86 -1.12
N LYS A 320 9.39 -2.24 -0.11
CA LYS A 320 8.06 -1.68 -0.22
C LYS A 320 7.94 -0.54 -1.21
N ALA A 321 9.07 0.00 -1.65
CA ALA A 321 9.07 0.92 -2.78
C ALA A 321 8.65 0.29 -4.12
N THR A 322 7.34 0.27 -4.38
CA THR A 322 6.83 -0.40 -5.56
C THR A 322 6.43 0.58 -6.62
N ASN A 323 6.82 1.83 -6.44
CA ASN A 323 6.46 2.85 -7.41
C ASN A 323 7.45 3.97 -7.41
N VAL A 324 7.34 4.87 -8.42
CA VAL A 324 8.34 5.94 -8.57
C VAL A 324 8.33 6.99 -7.42
N GLY A 325 7.12 7.35 -6.99
CA GLY A 325 6.91 8.13 -5.81
C GLY A 325 7.64 7.69 -4.54
N SER A 326 7.64 6.39 -4.28
CA SER A 326 8.22 5.87 -3.05
C SER A 326 9.74 5.94 -3.08
N THR A 327 10.30 5.56 -4.21
CA THR A 327 11.73 5.67 -4.44
C THR A 327 12.23 7.12 -4.36
N GLU A 328 11.48 8.06 -4.92
CA GLU A 328 11.79 9.46 -4.72
C GLU A 328 11.86 9.81 -3.26
N ALA A 329 10.94 9.28 -2.48
CA ALA A 329 10.93 9.56 -1.07
C ALA A 329 12.18 9.10 -0.38
N ALA A 330 12.75 8.01 -0.86
CA ALA A 330 13.98 7.49 -0.25
C ALA A 330 15.22 8.26 -0.68
N LEU A 331 15.21 8.75 -1.91
CA LEU A 331 16.41 9.36 -2.50
C LEU A 331 16.45 10.84 -2.17
N ASN A 332 15.27 11.46 -2.11
CA ASN A 332 15.16 12.91 -1.83
C ASN A 332 15.67 13.38 -0.44
N GLY A 333 16.85 13.97 -0.43
CA GLY A 333 17.52 14.37 0.80
C GLY A 333 18.36 13.28 1.49
N LEU A 334 18.70 12.22 0.73
CA LEU A 334 19.33 11.04 1.30
C LEU A 334 20.84 11.38 1.49
N HIS A 335 21.37 11.04 2.68
CA HIS A 335 22.79 11.31 2.93
C HIS A 335 23.60 10.06 2.77
N VAL A 336 24.54 10.05 1.83
CA VAL A 336 25.47 8.93 1.72
C VAL A 336 26.92 9.41 1.76
N ASP A 337 27.69 8.81 2.66
CA ASP A 337 29.12 9.17 2.80
C ASP A 337 29.93 8.84 1.53
N GLY A 338 29.86 7.60 1.09
CA GLY A 338 30.64 7.22 -0.06
C GLY A 338 29.71 6.97 -1.26
N THR A 339 29.64 5.74 -1.71
CA THR A 339 28.88 5.42 -2.91
C THR A 339 27.52 4.76 -2.55
N LEU A 340 26.46 5.23 -3.23
CA LEU A 340 25.12 4.57 -3.23
C LEU A 340 25.01 3.53 -4.34
N HIS A 341 24.83 2.27 -3.95
CA HIS A 341 24.57 1.19 -4.88
C HIS A 341 23.06 0.96 -4.79
N LEU A 342 22.35 1.46 -5.79
CA LEU A 342 20.90 1.45 -5.87
C LEU A 342 20.40 0.30 -6.76
N LEU A 343 19.62 -0.59 -6.16
CA LEU A 343 18.93 -1.65 -6.89
C LEU A 343 17.56 -1.18 -7.41
N LEU A 344 17.34 -1.33 -8.72
CA LEU A 344 16.07 -0.97 -9.35
C LEU A 344 15.58 -2.18 -10.15
N GLY A 345 14.28 -2.43 -10.28
CA GLY A 345 13.84 -3.56 -11.07
C GLY A 345 12.53 -4.22 -10.77
N GLY A 346 11.99 -4.96 -11.76
CA GLY A 346 10.73 -5.74 -11.64
C GLY A 346 9.70 -5.23 -12.66
N ASP A 347 8.43 -5.15 -12.26
CA ASP A 347 7.30 -4.84 -13.19
C ASP A 347 6.97 -3.38 -12.94
N GLY A 348 7.43 -2.50 -13.82
CA GLY A 348 7.26 -1.06 -13.66
C GLY A 348 5.84 -0.56 -13.90
N LYS A 349 4.92 -1.45 -14.30
CA LYS A 349 3.52 -1.12 -14.59
C LYS A 349 3.32 0.09 -15.56
N SER A 350 4.16 0.19 -16.58
CA SER A 350 4.17 1.32 -17.51
C SER A 350 4.40 2.68 -16.89
N ALA A 351 5.11 2.75 -15.79
CA ALA A 351 5.43 4.04 -15.18
C ALA A 351 6.45 4.81 -15.98
N ASP A 352 6.38 6.16 -15.90
CA ASP A 352 7.48 7.00 -16.35
C ASP A 352 8.54 7.10 -15.21
N PHE A 353 9.69 6.44 -15.39
CA PHE A 353 10.87 6.56 -14.51
C PHE A 353 11.68 7.89 -14.54
N SER A 354 11.49 8.73 -15.55
CA SER A 354 12.18 10.03 -15.59
C SER A 354 12.38 10.75 -14.26
N PRO A 355 11.32 10.95 -13.48
CA PRO A 355 11.40 11.65 -12.18
C PRO A 355 12.60 11.25 -11.29
N LEU A 356 13.12 10.04 -11.52
CA LEU A 356 14.24 9.53 -10.77
C LEU A 356 15.60 10.15 -11.21
N ALA A 357 15.68 10.50 -12.50
CA ALA A 357 16.91 10.95 -13.09
C ALA A 357 17.68 12.02 -12.28
N ARG A 358 16.96 12.98 -11.71
CA ARG A 358 17.56 14.14 -11.06
C ARG A 358 18.23 13.85 -9.72
N TYR A 359 18.07 12.61 -9.26
CA TYR A 359 18.69 12.11 -8.04
C TYR A 359 19.91 11.26 -8.39
N LEU A 360 20.15 10.97 -9.67
CA LEU A 360 21.19 10.01 -10.06
C LEU A 360 22.51 10.58 -10.64
N ASN A 361 22.67 11.90 -10.49
CA ASN A 361 23.86 12.64 -10.93
C ASN A 361 25.06 12.55 -9.95
N GLY A 362 26.23 12.95 -10.46
CA GLY A 362 27.42 13.08 -9.59
C GLY A 362 28.19 11.78 -9.68
N ASP A 363 29.25 11.66 -8.86
CA ASP A 363 30.17 10.53 -9.02
C ASP A 363 29.87 9.37 -8.07
N ASN A 364 28.95 9.59 -7.13
CA ASN A 364 28.86 8.72 -5.97
C ASN A 364 27.62 7.79 -6.07
N VAL A 365 27.17 7.50 -7.31
CA VAL A 365 25.98 6.67 -7.58
C VAL A 365 26.23 5.53 -8.58
N ARG A 366 25.79 4.31 -8.23
CA ARG A 366 25.83 3.14 -9.12
C ARG A 366 24.46 2.45 -9.21
N LEU A 367 24.01 2.03 -10.40
CA LEU A 367 22.67 1.40 -10.56
C LEU A 367 22.82 -0.05 -10.91
N TYR A 368 22.02 -0.92 -10.27
CA TYR A 368 21.98 -2.33 -10.64
C TYR A 368 20.51 -2.66 -10.93
N CYS A 369 20.19 -2.86 -12.23
CA CYS A 369 18.82 -2.91 -12.71
C CYS A 369 18.43 -4.34 -13.09
N PHE A 370 17.27 -4.83 -12.64
CA PHE A 370 16.94 -6.21 -12.95
C PHE A 370 15.42 -6.42 -13.30
N GLY A 371 14.97 -7.66 -13.53
CA GLY A 371 13.55 -7.99 -13.78
C GLY A 371 12.98 -7.49 -15.10
N ARG A 372 11.64 -7.54 -15.27
CA ARG A 372 11.01 -7.26 -16.55
C ARG A 372 11.47 -5.92 -17.19
N ASP A 373 11.42 -4.83 -16.43
CA ASP A 373 11.81 -3.54 -16.94
C ASP A 373 13.27 -3.11 -16.65
N GLY A 374 14.13 -4.06 -16.31
CA GLY A 374 15.55 -3.72 -16.10
C GLY A 374 16.23 -2.75 -17.07
N ALA A 375 16.06 -2.97 -18.38
CA ALA A 375 16.74 -2.20 -19.42
C ALA A 375 16.30 -0.74 -19.44
N GLN A 376 14.98 -0.48 -19.22
CA GLN A 376 14.38 0.83 -19.08
C GLN A 376 14.88 1.61 -17.83
N LEU A 377 15.14 0.90 -16.75
CA LEU A 377 15.69 1.51 -15.53
C LEU A 377 17.18 1.88 -15.73
N ALA A 378 17.98 1.01 -16.32
CA ALA A 378 19.41 1.34 -16.67
C ALA A 378 19.53 2.60 -17.60
N ALA A 379 18.64 2.70 -18.60
CA ALA A 379 18.58 3.85 -19.50
C ALA A 379 18.63 5.19 -18.80
N LEU A 380 18.21 5.23 -17.55
CA LEU A 380 18.14 6.46 -16.78
C LEU A 380 19.50 7.12 -16.70
N ARG A 381 20.56 6.29 -16.68
CA ARG A 381 21.96 6.76 -16.71
C ARG A 381 22.93 5.61 -16.99
N PRO A 382 23.03 5.20 -18.29
CA PRO A 382 23.66 3.93 -18.64
C PRO A 382 25.13 3.80 -18.28
N GLU A 383 25.81 4.95 -18.21
CA GLU A 383 27.24 5.03 -17.88
C GLU A 383 27.57 4.52 -16.44
N VAL A 384 26.62 4.71 -15.50
CA VAL A 384 26.73 4.19 -14.12
C VAL A 384 25.83 2.97 -13.81
N ALA A 385 25.44 2.17 -14.83
CA ALA A 385 24.35 1.19 -14.67
C ALA A 385 24.73 -0.19 -15.15
N GLU A 386 24.37 -1.24 -14.40
CA GLU A 386 24.45 -2.62 -14.86
C GLU A 386 23.04 -3.24 -14.90
N GLN A 387 22.84 -4.21 -15.79
CA GLN A 387 21.53 -4.88 -15.97
C GLN A 387 21.76 -6.36 -15.82
N THR A 388 20.99 -7.01 -14.96
CA THR A 388 21.09 -8.45 -14.77
C THR A 388 19.69 -8.99 -14.97
N GLU A 389 19.51 -10.30 -14.95
CA GLU A 389 18.16 -10.82 -14.98
C GLU A 389 17.48 -10.69 -13.57
N THR A 390 18.19 -11.16 -12.55
CA THR A 390 17.61 -11.27 -11.25
C THR A 390 18.22 -10.30 -10.28
N MET A 391 17.52 -10.14 -9.17
CA MET A 391 18.01 -9.37 -8.02
C MET A 391 19.19 -10.02 -7.33
N GLU A 392 19.10 -11.33 -7.13
CA GLU A 392 20.32 -12.05 -6.68
C GLU A 392 21.60 -11.75 -7.48
N GLN A 393 21.49 -11.80 -8.81
CA GLN A 393 22.66 -11.62 -9.66
C GLN A 393 23.19 -10.20 -9.48
N ALA A 394 22.29 -9.25 -9.31
CA ALA A 394 22.67 -7.86 -9.09
C ALA A 394 23.48 -7.66 -7.81
N MET A 395 23.05 -8.32 -6.75
CA MET A 395 23.68 -8.23 -5.44
C MET A 395 25.10 -8.77 -5.45
N ARG A 396 25.23 -9.93 -6.09
CA ARG A 396 26.50 -10.62 -6.25
C ARG A 396 27.43 -9.85 -7.15
N LEU A 397 26.86 -9.06 -8.07
CA LEU A 397 27.64 -8.10 -8.86
C LEU A 397 28.06 -6.78 -8.16
N LEU A 398 27.18 -6.19 -7.34
CA LEU A 398 27.57 -5.02 -6.54
C LEU A 398 28.44 -5.32 -5.29
N ALA A 399 28.28 -6.50 -4.71
CA ALA A 399 28.92 -6.77 -3.42
C ALA A 399 30.42 -6.47 -3.41
N PRO A 400 31.19 -7.11 -4.29
CA PRO A 400 32.62 -6.80 -4.46
C PRO A 400 32.98 -5.31 -4.50
N ARG A 401 32.11 -4.45 -5.05
CA ARG A 401 32.49 -3.07 -5.23
C ARG A 401 32.16 -2.26 -4.01
N VAL A 402 31.60 -2.91 -3.00
CA VAL A 402 31.12 -2.15 -1.83
C VAL A 402 32.28 -1.70 -0.94
N GLN A 403 32.27 -0.42 -0.53
CA GLN A 403 33.38 0.15 0.23
C GLN A 403 32.82 0.75 1.52
N PRO A 404 33.63 0.76 2.64
CA PRO A 404 33.28 1.49 3.87
C PRO A 404 32.80 2.87 3.61
N GLY A 405 31.66 3.23 4.17
CA GLY A 405 31.04 4.51 3.89
C GLY A 405 29.87 4.45 2.91
N ASP A 406 29.76 3.32 2.23
CA ASP A 406 28.76 3.17 1.16
C ASP A 406 27.42 2.79 1.73
N MET A 407 26.38 2.99 0.89
CA MET A 407 25.06 2.38 1.16
C MET A 407 24.59 1.42 0.04
N VAL A 408 23.99 0.30 0.41
CA VAL A 408 23.31 -0.54 -0.60
C VAL A 408 21.80 -0.38 -0.35
N LEU A 409 21.06 0.11 -1.35
CA LEU A 409 19.64 0.51 -1.21
C LEU A 409 18.75 -0.25 -2.23
N LEU A 410 17.92 -1.18 -1.72
CA LEU A 410 16.90 -1.85 -2.55
C LEU A 410 15.67 -1.00 -2.41
N SER A 411 15.40 -0.16 -3.41
CA SER A 411 14.21 0.70 -3.45
C SER A 411 13.83 0.74 -4.95
N PRO A 412 13.31 -0.36 -5.45
CA PRO A 412 13.22 -0.70 -6.89
C PRO A 412 12.21 0.02 -7.78
N ALA A 413 11.22 0.74 -7.21
CA ALA A 413 10.26 1.54 -7.97
C ALA A 413 9.27 0.74 -8.79
N CYS A 414 9.21 -0.59 -8.57
CA CYS A 414 8.43 -1.50 -9.37
C CYS A 414 7.80 -2.59 -8.46
N ALA A 415 6.70 -3.19 -8.91
CA ALA A 415 6.16 -4.41 -8.30
C ALA A 415 7.16 -5.58 -8.48
N SER A 416 7.08 -6.57 -7.60
CA SER A 416 7.97 -7.67 -7.59
C SER A 416 7.39 -8.84 -8.31
N LEU A 417 6.10 -8.80 -8.65
CA LEU A 417 5.28 -9.94 -9.08
C LEU A 417 5.68 -10.67 -10.33
N ASP A 418 6.62 -10.12 -11.08
CA ASP A 418 7.21 -10.79 -12.27
C ASP A 418 8.18 -11.87 -11.83
N GLN A 419 8.80 -11.70 -10.65
CA GLN A 419 9.68 -12.74 -10.15
C GLN A 419 9.42 -13.21 -8.72
N PHE A 420 8.59 -12.50 -7.99
CA PHE A 420 8.37 -12.90 -6.62
C PHE A 420 6.89 -13.04 -6.34
N LYS A 421 6.63 -13.63 -5.18
CA LYS A 421 5.29 -13.78 -4.65
C LYS A 421 4.71 -12.42 -4.34
N ASN A 422 5.51 -11.54 -3.73
CA ASN A 422 5.09 -10.20 -3.26
C ASN A 422 6.36 -9.46 -2.84
N PHE A 423 6.24 -8.18 -2.51
CA PHE A 423 7.39 -7.39 -2.13
C PHE A 423 8.05 -7.85 -0.82
N GLU A 424 7.28 -8.47 0.05
CA GLU A 424 7.83 -9.08 1.28
C GLU A 424 8.85 -10.20 0.99
N GLN A 425 8.55 -11.06 0.03
CA GLN A 425 9.48 -12.08 -0.33
C GLN A 425 10.74 -11.44 -0.95
N ARG A 426 10.56 -10.40 -1.79
CA ARG A 426 11.71 -9.74 -2.34
C ARG A 426 12.61 -9.11 -1.25
N GLY A 427 12.00 -8.46 -0.24
CA GLY A 427 12.69 -7.81 0.86
C GLY A 427 13.39 -8.85 1.71
N ASN A 428 12.71 -9.96 2.04
CA ASN A 428 13.35 -11.06 2.75
C ASN A 428 14.56 -11.70 2.00
N GLU A 429 14.42 -11.97 0.70
CA GLU A 429 15.57 -12.43 -0.11
C GLU A 429 16.74 -11.43 -0.04
N PHE A 430 16.46 -10.15 -0.27
CA PHE A 430 17.49 -9.15 -0.14
C PHE A 430 18.19 -9.19 1.25
N ALA A 431 17.41 -9.41 2.33
CA ALA A 431 17.97 -9.39 3.69
C ALA A 431 18.91 -10.55 3.87
N ARG A 432 18.53 -11.71 3.34
CA ARG A 432 19.32 -12.92 3.40
C ARG A 432 20.62 -12.78 2.64
N LEU A 433 20.55 -12.36 1.39
CA LEU A 433 21.76 -12.05 0.63
C LEU A 433 22.65 -10.96 1.23
N ALA A 434 22.06 -9.93 1.85
CA ALA A 434 22.86 -8.80 2.35
C ALA A 434 23.70 -9.34 3.50
N LYS A 435 23.08 -10.23 4.27
CA LYS A 435 23.73 -10.94 5.38
C LYS A 435 24.90 -11.84 4.92
N GLU A 436 24.66 -12.65 3.89
CA GLU A 436 25.72 -13.45 3.30
C GLU A 436 26.86 -12.58 2.75
N LEU A 437 26.49 -11.63 1.89
CA LEU A 437 27.48 -10.88 1.14
C LEU A 437 28.15 -9.78 1.93
N GLY A 438 27.55 -9.35 3.03
CA GLY A 438 27.96 -8.16 3.74
C GLY A 438 28.81 -8.37 5.01
N SER A 439 29.02 -9.65 5.33
CA SER A 439 30.04 -10.10 6.34
C SER A 439 31.18 -10.96 5.73
N HIS A 440 32.28 -11.08 6.32
N31 IK4 B . -8.90 -13.70 -11.39
C30 IK4 B . -7.92 -13.26 -11.03
C27 IK4 B . -6.77 -12.83 -10.70
C28 IK4 B . -5.77 -12.78 -11.68
C29 IK4 B . -4.50 -12.30 -11.36
C26 IK4 B . -6.53 -12.43 -9.39
C25 IK4 B . -5.24 -11.97 -9.08
C24 IK4 B . -4.23 -11.88 -10.05
C23 IK4 B . -2.86 -11.35 -9.73
C19 IK4 B . -4.20 -10.37 -6.61
C20 IK4 B . -3.08 -10.19 -7.49
C21 IK4 B . -2.35 -8.98 -7.50
C18 IK4 B . -4.62 -9.33 -5.77
C16 IK4 B . -3.89 -8.10 -5.80
C15 IK4 B . -2.75 -7.92 -6.66
C14 IK4 B . -2.05 -6.72 -6.69
C17 IK4 B . -4.31 -7.07 -4.95
C12 IK4 B . -3.59 -5.87 -4.99
C13 IK4 B . -2.46 -5.69 -5.85
S11 IK4 B . -1.70 -4.28 -5.78
O33 IK4 B . -2.51 -3.32 -5.06
O32 IK4 B . -1.44 -3.69 -7.06
N IK4 B . -0.26 -4.48 -4.99
CA IK4 B . 0.96 -4.51 -5.82
C IK4 B . 1.48 -3.15 -6.28
O IK4 B . 2.09 -3.03 -7.34
OXT IK4 B . 1.30 -2.10 -5.63
CB IK4 B . 2.01 -5.36 -5.10
CG IK4 B . 3.46 -5.10 -5.50
CD IK4 B . 4.37 -6.15 -4.90
OE1 IK4 B . 5.54 -6.21 -5.38
OE2 IK4 B . 3.99 -6.88 -3.92
O22 IK4 B . -2.67 -11.24 -8.30
S SO4 C . 3.93 2.57 3.22
O1 SO4 C . 2.84 1.83 2.60
O2 SO4 C . 3.47 3.46 4.26
O3 SO4 C . 4.97 1.76 3.75
O4 SO4 C . 4.45 3.46 2.19
#